data_4GMB
#
_entry.id   4GMB
#
_cell.length_a   47.297
_cell.length_b   50.837
_cell.length_c   137.845
_cell.angle_alpha   90.00
_cell.angle_beta   90.00
_cell.angle_gamma   90.00
#
_symmetry.space_group_name_H-M   'P 21 21 21'
#
loop_
_entity.id
_entity.type
_entity.pdbx_description
1 polymer 'WD repeat-containing protein 5'
2 polymer MM-402
3 water water
#
loop_
_entity_poly.entity_id
_entity_poly.type
_entity_poly.pdbx_seq_one_letter_code
_entity_poly.pdbx_strand_id
1 'polypeptide(L)'
;SATQSKPTPVKPNYALKFTLAGHTKAVSSVKFSPNGEWLASSSADKLIKIWGAYDGKFEKTISGHKLGISDVAWSSDSNL
LVSASDDKTLKIWDVSSGKCLKTLKGHSNYVFCCNFNPQSNLIVSGSFDESVRIWDVKTGKCLKTLPAHSDPVSAVHFNR
DGSLIVSSSYDGLCRIWDTASGQCLKTLIDDDNPPVSFVKFSPNGKYILAATLDNTLKLWDYSKGKCLKTYTGHKNEKYC
IFANFSVTGGKWIVSGSEDNLVYIWNLQTKEIVQKLQGHTDVVISTACHPTENIIASAALENDKTIKLWKSDC
;
A
2 'polypeptide(L)' (ALQ)(0XQ)R(ABA)(PG9) E
#
# COMPACT_ATOMS: atom_id res chain seq x y z
N PRO A 7 16.38 -14.35 20.07
CA PRO A 7 15.61 -14.01 18.88
C PRO A 7 14.18 -14.56 18.94
N THR A 8 13.48 -14.53 17.81
CA THR A 8 12.12 -15.04 17.72
C THR A 8 11.24 -14.60 18.89
N PRO A 9 10.89 -13.31 18.94
CA PRO A 9 10.03 -12.76 20.00
C PRO A 9 8.63 -13.37 19.96
N VAL A 10 7.97 -13.44 21.12
CA VAL A 10 6.62 -13.98 21.20
C VAL A 10 5.56 -12.93 20.89
N LYS A 11 5.85 -11.68 21.25
CA LYS A 11 4.95 -10.57 20.95
C LYS A 11 5.63 -9.22 21.14
N PRO A 12 5.28 -8.24 20.30
CA PRO A 12 5.86 -6.89 20.37
C PRO A 12 5.13 -5.99 21.35
N ASN A 13 5.64 -4.78 21.54
CA ASN A 13 4.99 -3.80 22.39
C ASN A 13 4.98 -2.41 21.74
N TYR A 14 4.05 -2.21 20.81
CA TYR A 14 3.96 -0.93 20.12
C TYR A 14 3.24 0.13 20.93
N ALA A 15 3.90 1.27 21.13
CA ALA A 15 3.33 2.37 21.89
C ALA A 15 3.26 3.63 21.03
N LEU A 16 2.24 4.44 21.27
CA LEU A 16 2.03 5.67 20.51
C LEU A 16 3.07 6.73 20.90
N LYS A 17 3.77 7.25 19.90
CA LYS A 17 4.80 8.26 20.14
C LYS A 17 4.40 9.63 19.62
N PHE A 18 3.88 9.68 18.40
CA PHE A 18 3.54 10.94 17.76
C PHE A 18 2.23 10.88 16.98
N THR A 19 1.62 12.04 16.79
CA THR A 19 0.45 12.18 15.92
C THR A 19 0.71 13.31 14.93
N LEU A 20 0.42 13.05 13.66
CA LEU A 20 0.69 13.99 12.58
C LEU A 20 -0.63 14.49 11.98
N ALA A 21 -1.02 15.72 12.31
CA ALA A 21 -2.39 16.19 12.10
C ALA A 21 -2.65 16.99 10.82
N GLY A 22 -1.58 17.53 10.22
CA GLY A 22 -1.68 18.45 9.10
C GLY A 22 -2.86 18.35 8.13
N HIS A 23 -3.13 17.15 7.65
CA HIS A 23 -4.15 16.95 6.60
C HIS A 23 -5.55 17.45 6.97
N THR A 24 -6.24 18.00 5.98
CA THR A 24 -7.57 18.57 6.21
C THR A 24 -8.71 17.65 5.76
N LYS A 25 -8.36 16.55 5.09
CA LYS A 25 -9.33 15.54 4.71
C LYS A 25 -8.78 14.15 4.95
N ALA A 26 -9.67 13.15 4.97
CA ALA A 26 -9.27 11.77 5.21
C ALA A 26 -7.96 11.42 4.50
N VAL A 27 -7.04 10.81 5.22
CA VAL A 27 -5.78 10.34 4.65
C VAL A 27 -6.01 9.00 3.95
N SER A 28 -5.39 8.81 2.80
CA SER A 28 -5.60 7.59 2.02
C SER A 28 -4.48 6.55 2.18
N SER A 29 -3.23 7.00 2.26
CA SER A 29 -2.12 6.07 2.44
C SER A 29 -0.85 6.72 2.98
N VAL A 30 0.00 5.89 3.58
CA VAL A 30 1.27 6.33 4.15
C VAL A 30 2.38 5.34 3.79
N LYS A 31 3.52 5.87 3.35
CA LYS A 31 4.64 5.02 2.94
C LYS A 31 5.97 5.55 3.48
N PHE A 32 6.71 4.69 4.15
CA PHE A 32 8.07 5.03 4.58
C PHE A 32 8.99 5.05 3.37
N SER A 33 9.92 6.00 3.34
CA SER A 33 10.91 6.05 2.27
C SER A 33 11.89 4.90 2.42
N PRO A 34 12.38 4.36 1.29
CA PRO A 34 13.33 3.24 1.30
C PRO A 34 14.56 3.51 2.15
N ASN A 35 14.99 4.77 2.25
CA ASN A 35 16.15 5.11 3.06
C ASN A 35 15.78 5.30 4.53
N GLY A 36 14.50 5.19 4.84
CA GLY A 36 14.02 5.18 6.21
C GLY A 36 13.93 6.54 6.88
N GLU A 37 14.25 7.59 6.14
CA GLU A 37 14.31 8.95 6.71
C GLU A 37 12.94 9.62 6.79
N TRP A 38 12.05 9.32 5.86
CA TRP A 38 10.83 10.08 5.72
C TRP A 38 9.55 9.24 5.70
N LEU A 39 8.43 9.93 5.94
CA LEU A 39 7.11 9.34 5.79
C LEU A 39 6.26 10.21 4.87
N ALA A 40 5.82 9.65 3.76
CA ALA A 40 4.93 10.36 2.84
C ALA A 40 3.49 9.95 3.09
N SER A 41 2.57 10.85 2.80
CA SER A 41 1.14 10.56 3.01
C SER A 41 0.29 11.23 1.95
N SER A 42 -0.67 10.48 1.42
CA SER A 42 -1.62 11.01 0.46
C SER A 42 -2.98 11.17 1.13
N SER A 43 -3.80 12.08 0.60
CA SER A 43 -5.09 12.37 1.22
C SER A 43 -6.14 12.76 0.19
N ALA A 44 -7.39 12.81 0.62
CA ALA A 44 -8.49 13.24 -0.23
C ALA A 44 -8.47 14.75 -0.42
N ASP A 45 -7.59 15.43 0.31
CA ASP A 45 -7.48 16.88 0.23
C ASP A 45 -6.60 17.32 -0.93
N LYS A 46 -6.27 16.37 -1.81
CA LYS A 46 -5.47 16.63 -3.00
C LYS A 46 -4.00 16.85 -2.69
N LEU A 47 -3.60 16.60 -1.45
CA LEU A 47 -2.24 16.92 -1.02
C LEU A 47 -1.37 15.71 -0.70
N ILE A 48 -0.06 15.90 -0.83
CA ILE A 48 0.91 14.95 -0.32
C ILE A 48 1.74 15.69 0.72
N LYS A 49 2.13 14.99 1.79
CA LYS A 49 2.92 15.62 2.84
C LYS A 49 4.08 14.74 3.27
N ILE A 50 5.23 15.35 3.51
CA ILE A 50 6.40 14.64 3.98
C ILE A 50 6.60 14.92 5.46
N TRP A 51 6.81 13.86 6.23
CA TRP A 51 7.08 13.99 7.66
C TRP A 51 8.37 13.26 7.99
N GLY A 52 8.98 13.63 9.12
CA GLY A 52 10.15 12.92 9.60
C GLY A 52 9.71 11.56 10.12
N ALA A 53 10.36 10.50 9.63
CA ALA A 53 9.97 9.14 9.97
C ALA A 53 10.18 8.80 11.44
N TYR A 54 11.07 9.54 12.11
CA TYR A 54 11.43 9.22 13.48
C TYR A 54 10.75 10.10 14.53
N ASP A 55 10.64 11.40 14.24
CA ASP A 55 10.06 12.34 15.20
C ASP A 55 8.71 12.90 14.76
N GLY A 56 8.27 12.50 13.56
CA GLY A 56 6.99 12.93 13.05
C GLY A 56 6.93 14.40 12.72
N LYS A 57 8.09 15.04 12.67
CA LYS A 57 8.18 16.46 12.35
C LYS A 57 7.73 16.72 10.90
N PHE A 58 6.83 17.67 10.72
CA PHE A 58 6.34 18.01 9.39
C PHE A 58 7.44 18.62 8.53
N GLU A 59 7.55 18.17 7.30
CA GLU A 59 8.60 18.63 6.40
C GLU A 59 8.08 19.57 5.31
N LYS A 60 7.23 19.06 4.42
CA LYS A 60 6.69 19.89 3.34
C LYS A 60 5.38 19.36 2.75
N THR A 61 4.69 20.24 2.03
CA THR A 61 3.45 19.89 1.36
C THR A 61 3.65 19.89 -0.16
N ILE A 62 3.19 18.83 -0.82
CA ILE A 62 3.33 18.70 -2.26
C ILE A 62 1.97 18.72 -2.94
N SER A 63 1.68 19.80 -3.67
CA SER A 63 0.38 19.96 -4.32
C SER A 63 0.49 19.96 -5.84
N GLY A 64 -0.63 19.74 -6.52
CA GLY A 64 -0.65 19.71 -7.96
C GLY A 64 -1.85 18.96 -8.54
N HIS A 65 -2.26 17.90 -7.86
CA HIS A 65 -3.41 17.12 -8.31
C HIS A 65 -4.70 17.93 -8.24
N LYS A 66 -5.64 17.63 -9.12
CA LYS A 66 -6.90 18.36 -9.17
C LYS A 66 -8.01 17.67 -8.38
N LEU A 67 -7.71 16.49 -7.85
CA LEU A 67 -8.67 15.75 -7.04
C LEU A 67 -7.97 14.92 -5.96
N GLY A 68 -8.75 14.16 -5.21
CA GLY A 68 -8.22 13.33 -4.15
C GLY A 68 -7.21 12.31 -4.64
N ILE A 69 -6.21 12.03 -3.81
CA ILE A 69 -5.21 11.03 -4.13
C ILE A 69 -5.44 9.79 -3.26
N SER A 70 -5.39 8.62 -3.89
CA SER A 70 -5.71 7.39 -3.19
C SER A 70 -4.46 6.64 -2.73
N ASP A 71 -3.32 6.94 -3.33
CA ASP A 71 -2.12 6.16 -3.07
C ASP A 71 -0.83 6.92 -3.43
N VAL A 72 0.25 6.56 -2.75
CA VAL A 72 1.56 7.17 -2.98
C VAL A 72 2.66 6.13 -2.80
N ALA A 73 3.77 6.29 -3.52
CA ALA A 73 4.86 5.31 -3.47
C ALA A 73 6.23 5.92 -3.71
N TRP A 74 7.25 5.31 -3.13
CA TRP A 74 8.63 5.81 -3.22
C TRP A 74 9.45 5.11 -4.30
N SER A 75 10.40 5.84 -4.87
CA SER A 75 11.44 5.23 -5.70
C SER A 75 12.47 4.61 -4.77
N SER A 76 13.38 3.81 -5.32
CA SER A 76 14.34 3.08 -4.51
C SER A 76 15.37 3.98 -3.83
N ASP A 77 15.77 5.06 -4.49
CA ASP A 77 16.75 5.98 -3.93
C ASP A 77 16.10 7.06 -3.08
N SER A 78 14.80 6.92 -2.85
CA SER A 78 14.04 7.87 -2.04
C SER A 78 14.02 9.26 -2.65
N ASN A 79 14.39 9.35 -3.93
CA ASN A 79 14.42 10.63 -4.64
C ASN A 79 13.05 11.03 -5.20
N LEU A 80 12.27 10.03 -5.61
CA LEU A 80 11.02 10.30 -6.31
C LEU A 80 9.80 9.78 -5.57
N LEU A 81 8.64 10.32 -5.94
CA LEU A 81 7.35 9.88 -5.44
C LEU A 81 6.36 9.78 -6.59
N VAL A 82 5.46 8.81 -6.52
CA VAL A 82 4.40 8.68 -7.51
C VAL A 82 3.05 8.65 -6.81
N SER A 83 2.08 9.35 -7.39
CA SER A 83 0.76 9.45 -6.78
C SER A 83 -0.35 9.00 -7.73
N ALA A 84 -1.44 8.50 -7.15
CA ALA A 84 -2.59 8.04 -7.93
C ALA A 84 -3.83 8.84 -7.54
N SER A 85 -4.38 9.59 -8.49
CA SER A 85 -5.45 10.52 -8.18
C SER A 85 -6.77 10.22 -8.88
N ASP A 86 -7.84 10.81 -8.37
CA ASP A 86 -9.17 10.70 -8.96
C ASP A 86 -9.24 11.45 -10.28
N ASP A 87 -8.27 12.34 -10.51
CA ASP A 87 -8.26 13.14 -11.72
C ASP A 87 -7.80 12.35 -12.94
N LYS A 88 -7.78 11.02 -12.80
CA LYS A 88 -7.45 10.10 -13.89
C LYS A 88 -5.96 10.02 -14.20
N THR A 89 -5.13 10.73 -13.44
CA THR A 89 -3.71 10.78 -13.73
C THR A 89 -2.82 10.32 -12.59
N LEU A 90 -1.54 10.13 -12.91
CA LEU A 90 -0.50 9.91 -11.91
C LEU A 90 0.53 11.02 -12.09
N LYS A 91 1.19 11.39 -11.00
CA LYS A 91 2.24 12.40 -11.08
C LYS A 91 3.53 11.91 -10.41
N ILE A 92 4.65 12.19 -11.06
CA ILE A 92 5.94 11.87 -10.48
C ILE A 92 6.51 13.14 -9.87
N TRP A 93 6.95 13.05 -8.62
CA TRP A 93 7.40 14.22 -7.88
C TRP A 93 8.86 14.13 -7.47
N ASP A 94 9.56 15.27 -7.53
CA ASP A 94 10.88 15.39 -6.96
C ASP A 94 10.73 15.76 -5.49
N VAL A 95 11.00 14.81 -4.60
CA VAL A 95 10.79 15.02 -3.17
C VAL A 95 11.53 16.25 -2.65
N SER A 96 12.69 16.54 -3.23
CA SER A 96 13.53 17.65 -2.77
C SER A 96 12.90 19.01 -3.03
N SER A 97 12.30 19.17 -4.20
CA SER A 97 11.72 20.46 -4.57
C SER A 97 10.19 20.43 -4.56
N GLY A 98 9.61 19.24 -4.37
CA GLY A 98 8.17 19.08 -4.37
C GLY A 98 7.56 19.40 -5.72
N LYS A 99 8.36 19.21 -6.77
CA LYS A 99 7.97 19.61 -8.10
C LYS A 99 7.46 18.44 -8.95
N CYS A 100 6.43 18.69 -9.75
CA CYS A 100 5.89 17.68 -10.64
C CYS A 100 6.78 17.49 -11.85
N LEU A 101 7.37 16.30 -11.96
CA LEU A 101 8.28 15.99 -13.05
C LEU A 101 7.53 15.47 -14.28
N LYS A 102 6.56 14.59 -14.04
CA LYS A 102 5.79 13.98 -15.12
C LYS A 102 4.33 13.80 -14.72
N THR A 103 3.44 13.97 -15.69
CA THR A 103 2.03 13.65 -15.49
C THR A 103 1.65 12.49 -16.38
N LEU A 104 1.37 11.34 -15.77
CA LEU A 104 1.05 10.13 -16.53
C LEU A 104 -0.42 10.10 -16.91
N LYS A 105 -0.70 10.37 -18.19
CA LYS A 105 -2.06 10.37 -18.69
C LYS A 105 -2.34 9.15 -19.54
N GLY A 106 -3.53 8.57 -19.40
CA GLY A 106 -3.90 7.39 -20.15
C GLY A 106 -5.03 6.61 -19.53
N HIS A 107 -5.12 6.66 -18.19
CA HIS A 107 -6.22 6.01 -17.48
C HIS A 107 -7.52 6.74 -17.74
N SER A 108 -8.61 5.98 -17.82
CA SER A 108 -9.91 6.54 -18.16
C SER A 108 -10.81 6.77 -16.94
N ASN A 109 -10.33 6.37 -15.77
CA ASN A 109 -11.08 6.60 -14.54
C ASN A 109 -10.12 6.82 -13.36
N TYR A 110 -10.66 6.94 -12.16
CA TYR A 110 -9.85 7.14 -10.96
C TYR A 110 -8.64 6.21 -10.98
N VAL A 111 -7.49 6.73 -10.56
CA VAL A 111 -6.32 5.89 -10.37
C VAL A 111 -6.26 5.49 -8.90
N PHE A 112 -6.30 4.19 -8.64
CA PHE A 112 -6.48 3.70 -7.28
C PHE A 112 -5.16 3.41 -6.55
N CYS A 113 -4.19 2.83 -7.27
CA CYS A 113 -2.95 2.40 -6.65
C CYS A 113 -1.77 2.56 -7.59
N CYS A 114 -0.56 2.55 -7.01
CA CYS A 114 0.64 2.80 -7.79
C CYS A 114 1.88 2.28 -7.05
N ASN A 115 2.90 1.92 -7.82
CA ASN A 115 4.16 1.48 -7.24
C ASN A 115 5.32 1.55 -8.24
N PHE A 116 6.52 1.73 -7.72
CA PHE A 116 7.72 1.62 -8.52
C PHE A 116 8.16 0.17 -8.54
N ASN A 117 8.93 -0.22 -9.55
CA ASN A 117 9.64 -1.47 -9.50
C ASN A 117 10.95 -1.23 -8.76
N PRO A 118 11.63 -2.30 -8.31
CA PRO A 118 12.88 -2.11 -7.56
C PRO A 118 13.92 -1.32 -8.34
N GLN A 119 13.96 -1.49 -9.66
CA GLN A 119 14.87 -0.73 -10.50
C GLN A 119 14.42 0.72 -10.59
N SER A 120 13.13 0.95 -10.30
CA SER A 120 12.56 2.29 -10.32
C SER A 120 12.66 2.96 -11.68
N ASN A 121 12.68 2.17 -12.73
CA ASN A 121 12.63 2.68 -14.10
C ASN A 121 11.24 2.50 -14.68
N LEU A 122 10.39 1.78 -13.95
CA LEU A 122 9.01 1.56 -14.36
C LEU A 122 8.05 1.90 -13.22
N ILE A 123 6.79 2.14 -13.57
CA ILE A 123 5.74 2.35 -12.59
C ILE A 123 4.50 1.55 -12.97
N VAL A 124 3.93 0.85 -12.00
CA VAL A 124 2.69 0.11 -12.22
C VAL A 124 1.53 0.85 -11.55
N SER A 125 0.36 0.80 -12.17
CA SER A 125 -0.79 1.48 -11.62
C SER A 125 -2.10 0.75 -11.89
N GLY A 126 -3.01 0.80 -10.92
CA GLY A 126 -4.34 0.24 -11.06
C GLY A 126 -5.38 1.36 -11.07
N SER A 127 -6.53 1.10 -11.67
CA SER A 127 -7.55 2.13 -11.84
C SER A 127 -8.96 1.56 -11.75
N PHE A 128 -9.94 2.46 -11.63
CA PHE A 128 -11.34 2.07 -11.69
C PHE A 128 -11.74 1.67 -13.09
N ASP A 129 -10.88 1.94 -14.07
CA ASP A 129 -11.13 1.54 -15.44
C ASP A 129 -10.79 0.07 -15.66
N GLU A 130 -10.39 -0.59 -14.57
CA GLU A 130 -10.20 -2.04 -14.56
C GLU A 130 -8.95 -2.50 -15.29
N SER A 131 -8.05 -1.57 -15.57
CA SER A 131 -6.82 -1.91 -16.27
C SER A 131 -5.59 -1.69 -15.39
N VAL A 132 -4.53 -2.43 -15.69
CA VAL A 132 -3.21 -2.20 -15.10
C VAL A 132 -2.33 -1.56 -16.16
N ARG A 133 -1.67 -0.47 -15.80
CA ARG A 133 -0.81 0.23 -16.76
C ARG A 133 0.64 0.29 -16.29
N ILE A 134 1.56 0.10 -17.24
CA ILE A 134 2.99 0.16 -16.95
C ILE A 134 3.60 1.39 -17.62
N TRP A 135 4.29 2.20 -16.85
CA TRP A 135 4.83 3.47 -17.34
C TRP A 135 6.35 3.49 -17.30
N ASP A 136 6.94 4.28 -18.19
CA ASP A 136 8.38 4.52 -18.18
C ASP A 136 8.67 5.76 -17.33
N VAL A 137 9.42 5.58 -16.25
CA VAL A 137 9.70 6.67 -15.33
C VAL A 137 10.39 7.86 -15.99
N LYS A 138 11.30 7.58 -16.91
CA LYS A 138 12.09 8.62 -17.55
C LYS A 138 11.29 9.46 -18.53
N THR A 139 10.45 8.82 -19.33
CA THR A 139 9.71 9.50 -20.38
C THR A 139 8.27 9.82 -19.99
N GLY A 140 7.77 9.11 -18.99
CA GLY A 140 6.39 9.28 -18.55
C GLY A 140 5.41 8.62 -19.50
N LYS A 141 5.95 7.89 -20.48
CA LYS A 141 5.13 7.19 -21.45
C LYS A 141 4.43 5.99 -20.84
N CYS A 142 3.31 5.59 -21.44
CA CYS A 142 2.61 4.38 -21.04
C CYS A 142 3.04 3.24 -21.96
N LEU A 143 3.81 2.30 -21.42
CA LEU A 143 4.37 1.22 -22.21
C LEU A 143 3.35 0.12 -22.50
N LYS A 144 2.63 -0.31 -21.49
CA LYS A 144 1.64 -1.36 -21.67
C LYS A 144 0.36 -1.12 -20.88
N THR A 145 -0.77 -1.51 -21.47
CA THR A 145 -2.06 -1.46 -20.80
C THR A 145 -2.64 -2.87 -20.74
N LEU A 146 -2.94 -3.33 -19.53
CA LEU A 146 -3.45 -4.68 -19.34
C LEU A 146 -4.92 -4.66 -18.96
N PRO A 147 -5.76 -5.39 -19.71
CA PRO A 147 -7.15 -5.59 -19.31
C PRO A 147 -7.17 -6.51 -18.09
N ALA A 148 -6.62 -6.02 -16.99
CA ALA A 148 -6.34 -6.85 -15.82
C ALA A 148 -7.58 -7.50 -15.20
N HIS A 149 -8.66 -6.74 -15.06
CA HIS A 149 -9.83 -7.24 -14.35
C HIS A 149 -11.15 -6.76 -14.94
N SER A 150 -12.24 -7.29 -14.40
CA SER A 150 -13.58 -6.89 -14.81
C SER A 150 -14.22 -5.99 -13.76
N ASP A 151 -13.40 -5.55 -12.80
CA ASP A 151 -13.81 -4.58 -11.79
C ASP A 151 -12.60 -3.73 -11.42
N PRO A 152 -12.83 -2.65 -10.64
CA PRO A 152 -11.73 -1.78 -10.21
C PRO A 152 -10.54 -2.54 -9.63
N VAL A 153 -9.34 -2.14 -10.01
CA VAL A 153 -8.12 -2.72 -9.49
C VAL A 153 -7.77 -2.09 -8.15
N SER A 154 -7.67 -2.90 -7.11
CA SER A 154 -7.46 -2.39 -5.76
C SER A 154 -5.98 -2.29 -5.37
N ALA A 155 -5.12 -3.07 -6.03
CA ALA A 155 -3.70 -3.08 -5.68
C ALA A 155 -2.79 -3.55 -6.81
N VAL A 156 -1.57 -3.02 -6.82
CA VAL A 156 -0.54 -3.41 -7.78
C VAL A 156 0.84 -3.39 -7.12
N HIS A 157 1.64 -4.42 -7.37
CA HIS A 157 2.94 -4.54 -6.71
C HIS A 157 3.92 -5.38 -7.53
N PHE A 158 5.17 -4.93 -7.60
CA PHE A 158 6.23 -5.69 -8.24
C PHE A 158 6.86 -6.68 -7.27
N ASN A 159 7.49 -7.72 -7.79
CA ASN A 159 8.25 -8.64 -6.95
C ASN A 159 9.69 -8.15 -6.76
N ARG A 160 10.53 -9.00 -6.18
CA ARG A 160 11.88 -8.60 -5.79
C ARG A 160 12.76 -8.10 -6.93
N ASP A 161 12.65 -8.74 -8.09
CA ASP A 161 13.45 -8.34 -9.24
C ASP A 161 12.63 -7.60 -10.28
N GLY A 162 11.37 -7.33 -9.96
CA GLY A 162 10.48 -6.59 -10.83
C GLY A 162 10.11 -7.33 -12.10
N SER A 163 10.28 -8.65 -12.07
CA SER A 163 9.95 -9.49 -13.22
C SER A 163 8.47 -9.83 -13.21
N LEU A 164 7.82 -9.62 -12.06
CA LEU A 164 6.42 -9.96 -11.91
C LEU A 164 5.61 -8.82 -11.31
N ILE A 165 4.32 -8.82 -11.62
CA ILE A 165 3.38 -7.86 -11.04
C ILE A 165 2.20 -8.62 -10.44
N VAL A 166 1.80 -8.23 -9.23
CA VAL A 166 0.62 -8.83 -8.62
C VAL A 166 -0.48 -7.78 -8.52
N SER A 167 -1.68 -8.15 -8.96
CA SER A 167 -2.81 -7.23 -8.91
C SER A 167 -4.03 -7.89 -8.31
N SER A 168 -4.93 -7.08 -7.76
CA SER A 168 -6.15 -7.59 -7.14
C SER A 168 -7.32 -6.67 -7.49
N SER A 169 -8.52 -7.23 -7.49
CA SER A 169 -9.70 -6.46 -7.89
C SER A 169 -10.96 -6.86 -7.13
N TYR A 170 -11.98 -6.02 -7.24
CA TYR A 170 -13.29 -6.30 -6.64
C TYR A 170 -13.95 -7.53 -7.26
N ASP A 171 -13.48 -7.93 -8.44
CA ASP A 171 -14.05 -9.09 -9.11
C ASP A 171 -13.68 -10.39 -8.41
N GLY A 172 -12.96 -10.27 -7.29
CA GLY A 172 -12.58 -11.41 -6.49
C GLY A 172 -11.35 -12.14 -6.99
N LEU A 173 -10.72 -11.59 -8.02
CA LEU A 173 -9.55 -12.22 -8.63
C LEU A 173 -8.23 -11.62 -8.17
N CYS A 174 -7.16 -12.37 -8.43
CA CYS A 174 -5.80 -11.94 -8.11
C CYS A 174 -4.87 -12.53 -9.17
N ARG A 175 -4.06 -11.69 -9.80
CA ARG A 175 -3.28 -12.13 -10.96
C ARG A 175 -1.81 -11.73 -10.93
N ILE A 176 -0.95 -12.66 -11.32
CA ILE A 176 0.47 -12.38 -11.53
C ILE A 176 0.72 -12.12 -13.02
N TRP A 177 1.43 -11.04 -13.33
CA TRP A 177 1.70 -10.69 -14.71
C TRP A 177 3.20 -10.65 -14.98
N ASP A 178 3.59 -11.04 -16.19
CA ASP A 178 4.97 -10.93 -16.63
C ASP A 178 5.25 -9.49 -17.05
N THR A 179 6.15 -8.83 -16.35
CA THR A 179 6.41 -7.41 -16.55
C THR A 179 6.82 -7.08 -17.99
N ALA A 180 7.63 -7.95 -18.58
CA ALA A 180 8.23 -7.68 -19.89
C ALA A 180 7.25 -7.83 -21.06
N SER A 181 6.31 -8.77 -20.94
CA SER A 181 5.39 -9.05 -22.02
C SER A 181 3.97 -8.55 -21.74
N GLY A 182 3.62 -8.46 -20.46
CA GLY A 182 2.30 -8.02 -20.06
C GLY A 182 1.31 -9.16 -20.01
N GLN A 183 1.79 -10.36 -20.33
CA GLN A 183 0.97 -11.56 -20.32
C GLN A 183 0.62 -11.98 -18.89
N CYS A 184 -0.58 -12.52 -18.71
CA CYS A 184 -0.99 -13.05 -17.42
C CYS A 184 -0.41 -14.45 -17.22
N LEU A 185 0.29 -14.65 -16.12
CA LEU A 185 0.95 -15.92 -15.84
C LEU A 185 0.13 -16.80 -14.90
N LYS A 186 -0.59 -16.16 -13.98
CA LYS A 186 -1.36 -16.90 -12.98
C LYS A 186 -2.60 -16.15 -12.53
N THR A 187 -3.69 -16.89 -12.34
CA THR A 187 -4.90 -16.35 -11.76
C THR A 187 -5.28 -17.14 -10.52
N LEU A 188 -5.33 -16.47 -9.37
CA LEU A 188 -5.70 -17.13 -8.13
C LEU A 188 -7.20 -17.03 -7.88
N ILE A 189 -7.88 -18.17 -7.97
CA ILE A 189 -9.33 -18.20 -7.84
C ILE A 189 -9.80 -18.76 -6.50
N ASP A 190 -10.85 -18.16 -5.97
CA ASP A 190 -11.53 -18.68 -4.79
C ASP A 190 -13.00 -18.84 -5.16
N ASP A 191 -13.60 -19.97 -4.79
CA ASP A 191 -14.97 -20.26 -5.18
C ASP A 191 -15.98 -19.28 -4.59
N ASP A 192 -15.63 -18.67 -3.46
CA ASP A 192 -16.48 -17.66 -2.85
C ASP A 192 -16.11 -16.28 -3.38
N ASN A 193 -14.93 -16.20 -3.99
CA ASN A 193 -14.38 -14.95 -4.53
C ASN A 193 -14.95 -13.65 -3.96
N PRO A 194 -14.64 -13.36 -2.70
CA PRO A 194 -15.00 -12.04 -2.16
C PRO A 194 -14.14 -10.99 -2.86
N PRO A 195 -14.57 -9.72 -2.85
CA PRO A 195 -13.74 -8.70 -3.48
C PRO A 195 -12.35 -8.70 -2.86
N VAL A 196 -11.30 -8.68 -3.69
CA VAL A 196 -9.95 -8.60 -3.18
C VAL A 196 -9.56 -7.14 -3.05
N SER A 197 -9.35 -6.69 -1.82
CA SER A 197 -9.15 -5.27 -1.54
C SER A 197 -7.68 -4.83 -1.50
N PHE A 198 -6.77 -5.80 -1.51
CA PHE A 198 -5.34 -5.48 -1.45
C PHE A 198 -4.46 -6.70 -1.65
N VAL A 199 -3.29 -6.49 -2.28
CA VAL A 199 -2.30 -7.54 -2.46
C VAL A 199 -0.89 -6.97 -2.50
N LYS A 200 0.08 -7.78 -2.08
CA LYS A 200 1.49 -7.42 -2.19
C LYS A 200 2.36 -8.66 -1.98
N PHE A 201 3.55 -8.66 -2.60
CA PHE A 201 4.49 -9.76 -2.43
C PHE A 201 5.12 -9.70 -1.04
N SER A 202 5.55 -10.85 -0.56
CA SER A 202 6.30 -10.89 0.70
C SER A 202 7.70 -10.34 0.45
N PRO A 203 8.35 -9.82 1.51
CA PRO A 203 9.70 -9.27 1.38
C PRO A 203 10.67 -10.24 0.72
N ASN A 204 10.38 -11.54 0.79
CA ASN A 204 11.23 -12.55 0.18
C ASN A 204 10.76 -12.95 -1.22
N GLY A 205 9.53 -12.56 -1.55
CA GLY A 205 9.02 -12.74 -2.90
C GLY A 205 8.34 -14.08 -3.17
N LYS A 206 8.39 -14.99 -2.21
CA LYS A 206 7.81 -16.32 -2.39
C LYS A 206 6.29 -16.31 -2.30
N TYR A 207 5.75 -15.39 -1.50
CA TYR A 207 4.31 -15.38 -1.23
C TYR A 207 3.66 -14.04 -1.54
N ILE A 208 2.34 -14.01 -1.45
CA ILE A 208 1.57 -12.77 -1.57
C ILE A 208 0.54 -12.69 -0.46
N LEU A 209 0.39 -11.51 0.12
CA LEU A 209 -0.61 -11.28 1.16
C LEU A 209 -1.81 -10.58 0.56
N ALA A 210 -2.96 -11.25 0.60
CA ALA A 210 -4.17 -10.73 -0.01
C ALA A 210 -5.29 -10.47 1.00
N ALA A 211 -5.66 -9.20 1.14
CA ALA A 211 -6.81 -8.82 1.95
C ALA A 211 -8.07 -8.93 1.10
N THR A 212 -9.11 -9.52 1.67
CA THR A 212 -10.38 -9.68 0.96
C THR A 212 -11.54 -9.22 1.84
N LEU A 213 -12.57 -8.67 1.21
CA LEU A 213 -13.64 -7.99 1.92
C LEU A 213 -14.60 -8.91 2.69
N ASP A 214 -14.11 -10.06 3.12
CA ASP A 214 -14.88 -10.95 3.99
C ASP A 214 -14.23 -10.98 5.37
N ASN A 215 -13.57 -9.88 5.72
CA ASN A 215 -12.89 -9.75 7.00
C ASN A 215 -11.73 -10.74 7.15
N THR A 216 -11.09 -11.07 6.04
CA THR A 216 -10.02 -12.06 6.05
C THR A 216 -8.76 -11.59 5.33
N LEU A 217 -7.61 -11.93 5.91
CA LEU A 217 -6.32 -11.77 5.26
C LEU A 217 -5.74 -13.15 4.99
N LYS A 218 -5.15 -13.36 3.82
CA LYS A 218 -4.61 -14.67 3.48
C LYS A 218 -3.22 -14.60 2.87
N LEU A 219 -2.36 -15.52 3.29
CA LEU A 219 -1.01 -15.64 2.73
C LEU A 219 -0.99 -16.80 1.75
N TRP A 220 -0.63 -16.50 0.51
CA TRP A 220 -0.64 -17.50 -0.56
C TRP A 220 0.76 -17.76 -1.11
N ASP A 221 1.06 -19.03 -1.33
CA ASP A 221 2.21 -19.38 -2.16
C ASP A 221 1.71 -19.38 -3.60
N TYR A 222 1.96 -18.29 -4.31
CA TYR A 222 1.43 -18.12 -5.66
C TYR A 222 2.06 -19.08 -6.65
N SER A 223 3.23 -19.59 -6.30
CA SER A 223 3.94 -20.55 -7.15
C SER A 223 3.10 -21.81 -7.31
N LYS A 224 2.67 -22.37 -6.19
CA LYS A 224 1.91 -23.62 -6.20
C LYS A 224 0.45 -23.43 -5.80
N GLY A 225 -0.03 -22.18 -5.90
CA GLY A 225 -1.42 -21.88 -5.65
C GLY A 225 -1.97 -22.46 -4.36
N LYS A 226 -1.22 -22.31 -3.28
CA LYS A 226 -1.61 -22.87 -1.98
C LYS A 226 -1.81 -21.76 -0.96
N CYS A 227 -2.89 -21.85 -0.18
CA CYS A 227 -3.14 -20.91 0.89
C CYS A 227 -2.43 -21.40 2.16
N LEU A 228 -1.44 -20.63 2.61
CA LEU A 228 -0.62 -21.03 3.75
C LEU A 228 -1.20 -20.58 5.08
N LYS A 229 -1.70 -19.34 5.13
CA LYS A 229 -2.14 -18.76 6.39
C LYS A 229 -3.39 -17.90 6.27
N THR A 230 -4.18 -17.87 7.33
CA THR A 230 -5.38 -17.03 7.40
C THR A 230 -5.31 -16.12 8.62
N TYR A 231 -5.76 -14.88 8.46
CA TYR A 231 -5.71 -13.91 9.55
C TYR A 231 -7.05 -13.19 9.70
N THR A 232 -7.71 -13.42 10.83
CA THR A 232 -9.00 -12.82 11.10
C THR A 232 -9.04 -12.17 12.48
N GLY A 233 -10.21 -11.69 12.87
CA GLY A 233 -10.39 -11.01 14.14
C GLY A 233 -10.66 -9.54 13.93
N HIS A 234 -10.12 -9.00 12.83
CA HIS A 234 -10.31 -7.61 12.48
C HIS A 234 -11.57 -7.42 11.65
N LYS A 235 -11.91 -6.17 11.35
CA LYS A 235 -13.10 -5.86 10.56
C LYS A 235 -12.72 -5.17 9.26
N ASN A 236 -13.19 -5.73 8.15
CA ASN A 236 -12.95 -5.14 6.83
C ASN A 236 -13.95 -5.67 5.80
N GLU A 237 -14.99 -4.89 5.54
CA GLU A 237 -16.04 -5.28 4.60
C GLU A 237 -16.26 -4.24 3.52
N LYS A 238 -15.62 -3.09 3.66
CA LYS A 238 -15.91 -1.96 2.79
C LYS A 238 -14.68 -1.33 2.13
N TYR A 239 -13.68 -1.04 2.94
CA TYR A 239 -12.53 -0.27 2.47
C TYR A 239 -11.34 -1.13 2.03
N CYS A 240 -10.59 -0.61 1.06
CA CYS A 240 -9.36 -1.25 0.62
C CYS A 240 -8.23 -0.84 1.55
N ILE A 241 -7.92 -1.72 2.51
CA ILE A 241 -6.99 -1.40 3.59
C ILE A 241 -5.61 -2.05 3.40
N PHE A 242 -4.56 -1.25 3.53
CA PHE A 242 -3.20 -1.74 3.37
C PHE A 242 -2.81 -2.74 4.47
N ALA A 243 -2.06 -3.76 4.06
CA ALA A 243 -1.51 -4.72 5.00
C ALA A 243 -0.02 -4.90 4.71
N ASN A 244 0.77 -5.18 5.75
CA ASN A 244 2.21 -5.26 5.58
C ASN A 244 2.84 -6.48 6.24
N PHE A 245 4.06 -6.79 5.82
CA PHE A 245 4.91 -7.72 6.53
C PHE A 245 5.85 -6.91 7.41
N SER A 246 6.00 -7.31 8.66
CA SER A 246 6.94 -6.65 9.55
C SER A 246 8.05 -7.63 9.93
N VAL A 247 9.26 -7.35 9.45
CA VAL A 247 10.37 -8.28 9.62
C VAL A 247 11.63 -7.64 10.22
N THR A 248 11.51 -6.40 10.68
CA THR A 248 12.63 -5.72 11.30
C THR A 248 12.96 -6.33 12.66
N GLY A 249 11.93 -6.66 13.42
CA GLY A 249 12.08 -7.37 14.67
C GLY A 249 11.51 -8.77 14.53
N GLY A 250 10.53 -9.10 15.36
CA GLY A 250 9.81 -10.35 15.21
C GLY A 250 8.97 -10.29 13.95
N LYS A 251 8.60 -11.44 13.41
CA LYS A 251 7.82 -11.48 12.17
C LYS A 251 6.31 -11.46 12.44
N TRP A 252 5.64 -10.43 11.93
CA TRP A 252 4.21 -10.28 12.12
C TRP A 252 3.51 -9.74 10.89
N ILE A 253 2.18 -9.78 10.90
CA ILE A 253 1.36 -9.17 9.86
C ILE A 253 0.63 -7.96 10.44
N VAL A 254 0.69 -6.84 9.73
CA VAL A 254 0.10 -5.60 10.22
C VAL A 254 -0.98 -5.09 9.27
N SER A 255 -2.12 -4.67 9.81
CA SER A 255 -3.20 -4.17 8.97
C SER A 255 -4.15 -3.25 9.73
N GLY A 256 -4.75 -2.31 9.01
CA GLY A 256 -5.76 -1.44 9.59
C GLY A 256 -7.08 -2.18 9.75
N SER A 257 -8.08 -1.47 10.25
CA SER A 257 -9.38 -2.09 10.49
C SER A 257 -10.48 -1.03 10.51
N GLU A 258 -11.73 -1.47 10.34
CA GLU A 258 -12.86 -0.55 10.30
C GLU A 258 -13.45 -0.32 11.69
N ASP A 259 -12.85 -0.95 12.69
CA ASP A 259 -13.21 -0.69 14.08
C ASP A 259 -12.25 0.32 14.69
N ASN A 260 -11.49 0.99 13.83
CA ASN A 260 -10.57 2.05 14.22
C ASN A 260 -9.32 1.55 14.92
N LEU A 261 -8.91 0.32 14.62
CA LEU A 261 -7.77 -0.28 15.30
C LEU A 261 -6.71 -0.81 14.33
N VAL A 262 -5.46 -0.83 14.81
CA VAL A 262 -4.36 -1.42 14.07
C VAL A 262 -4.12 -2.83 14.58
N TYR A 263 -4.24 -3.81 13.69
CA TYR A 263 -4.09 -5.21 14.08
C TYR A 263 -2.70 -5.76 13.76
N ILE A 264 -2.23 -6.65 14.63
CA ILE A 264 -0.93 -7.30 14.45
C ILE A 264 -1.04 -8.79 14.78
N TRP A 265 -0.80 -9.64 13.78
CA TRP A 265 -0.86 -11.09 13.98
C TRP A 265 0.54 -11.67 13.98
N ASN A 266 0.71 -12.79 14.67
CA ASN A 266 1.93 -13.56 14.55
C ASN A 266 1.93 -14.24 13.19
N LEU A 267 2.98 -14.01 12.41
CA LEU A 267 3.05 -14.52 11.05
C LEU A 267 2.81 -16.03 10.96
N GLN A 268 3.33 -16.77 11.93
CA GLN A 268 3.26 -18.22 11.89
C GLN A 268 2.00 -18.77 12.55
N THR A 269 1.71 -18.32 13.76
CA THR A 269 0.58 -18.86 14.52
C THR A 269 -0.76 -18.23 14.14
N LYS A 270 -0.70 -17.09 13.45
CA LYS A 270 -1.90 -16.43 12.94
C LYS A 270 -2.77 -15.86 14.06
N GLU A 271 -2.24 -15.82 15.27
CA GLU A 271 -2.97 -15.28 16.41
C GLU A 271 -2.60 -13.83 16.69
N ILE A 272 -3.61 -13.04 17.07
CA ILE A 272 -3.40 -11.61 17.31
C ILE A 272 -2.50 -11.39 18.53
N VAL A 273 -1.41 -10.67 18.33
CA VAL A 273 -0.45 -10.39 19.40
C VAL A 273 -0.68 -9.01 20.01
N GLN A 274 -1.21 -8.08 19.22
CA GLN A 274 -1.44 -6.73 19.72
C GLN A 274 -2.46 -5.96 18.88
N LYS A 275 -3.21 -5.08 19.54
CA LYS A 275 -4.19 -4.24 18.86
C LYS A 275 -4.02 -2.79 19.30
N LEU A 276 -3.50 -1.95 18.42
CA LEU A 276 -3.18 -0.57 18.75
C LEU A 276 -4.41 0.32 18.77
N GLN A 277 -4.63 1.00 19.90
CA GLN A 277 -5.80 1.85 20.09
C GLN A 277 -5.42 3.33 20.10
N GLY A 278 -6.31 4.17 19.56
CA GLY A 278 -6.07 5.60 19.54
C GLY A 278 -6.81 6.30 18.41
N HIS A 279 -6.91 5.62 17.27
CA HIS A 279 -7.58 6.20 16.10
C HIS A 279 -9.09 6.32 16.29
N THR A 280 -9.63 7.48 15.90
CA THR A 280 -11.05 7.75 16.08
C THR A 280 -11.85 7.45 14.81
N ASP A 281 -11.20 6.82 13.84
CA ASP A 281 -11.87 6.45 12.60
C ASP A 281 -11.15 5.29 11.92
N VAL A 282 -11.73 4.77 10.84
CA VAL A 282 -11.17 3.61 10.15
C VAL A 282 -9.70 3.79 9.82
N VAL A 283 -8.89 2.80 10.18
CA VAL A 283 -7.48 2.80 9.83
C VAL A 283 -7.32 2.26 8.41
N ILE A 284 -7.25 3.17 7.45
CA ILE A 284 -7.23 2.81 6.04
C ILE A 284 -5.85 2.38 5.55
N SER A 285 -4.80 2.82 6.25
CA SER A 285 -3.45 2.57 5.78
C SER A 285 -2.46 2.34 6.92
N THR A 286 -1.66 1.28 6.78
CA THR A 286 -0.56 1.01 7.70
C THR A 286 0.71 0.72 6.92
N ALA A 287 1.86 1.05 7.54
CA ALA A 287 3.15 0.78 6.92
C ALA A 287 4.20 0.54 7.99
N CYS A 288 5.17 -0.32 7.67
CA CYS A 288 6.23 -0.66 8.61
C CYS A 288 7.56 -0.07 8.14
N HIS A 289 8.34 0.45 9.09
CA HIS A 289 9.62 1.06 8.78
C HIS A 289 10.61 0.03 8.25
N PRO A 290 11.37 0.40 7.21
CA PRO A 290 12.32 -0.49 6.54
C PRO A 290 13.40 -1.07 7.47
N THR A 291 13.85 -0.30 8.45
CA THR A 291 14.94 -0.75 9.32
C THR A 291 14.55 -0.87 10.80
N GLU A 292 13.77 0.09 11.28
CA GLU A 292 13.41 0.14 12.70
C GLU A 292 12.03 -0.46 12.96
N ASN A 293 11.77 -0.81 14.21
CA ASN A 293 10.46 -1.32 14.61
C ASN A 293 9.46 -0.18 14.77
N ILE A 294 9.05 0.38 13.64
CA ILE A 294 8.13 1.51 13.65
C ILE A 294 6.94 1.28 12.70
N ILE A 295 5.74 1.53 13.21
CA ILE A 295 4.53 1.41 12.40
C ILE A 295 3.88 2.78 12.20
N ALA A 296 3.44 3.04 10.98
CA ALA A 296 2.71 4.27 10.67
C ALA A 296 1.28 3.92 10.30
N SER A 297 0.32 4.69 10.82
CA SER A 297 -1.09 4.42 10.54
C SER A 297 -1.86 5.72 10.29
N ALA A 298 -2.81 5.65 9.35
CA ALA A 298 -3.63 6.80 9.00
C ALA A 298 -5.11 6.42 9.01
N ALA A 299 -5.97 7.41 9.22
CA ALA A 299 -7.41 7.15 9.30
C ALA A 299 -8.23 8.15 8.48
N LEU A 300 -9.54 7.90 8.40
CA LEU A 300 -10.41 8.62 7.47
C LEU A 300 -11.00 9.92 8.00
N GLU A 301 -12.09 10.35 7.38
CA GLU A 301 -12.68 11.67 7.59
C GLU A 301 -12.76 12.14 9.04
N ASN A 302 -13.18 11.24 9.94
CA ASN A 302 -13.38 11.61 11.33
C ASN A 302 -12.08 11.63 12.15
N ASP A 303 -10.97 11.28 11.50
CA ASP A 303 -9.68 11.27 12.18
C ASP A 303 -8.70 12.19 11.46
N LYS A 304 -8.40 11.87 10.21
CA LYS A 304 -7.56 12.73 9.36
C LYS A 304 -6.13 12.87 9.84
N THR A 305 -5.70 12.00 10.76
CA THR A 305 -4.35 12.09 11.28
C THR A 305 -3.53 10.82 11.07
N ILE A 306 -2.22 10.95 11.24
CA ILE A 306 -1.30 9.83 11.13
C ILE A 306 -0.64 9.61 12.49
N LYS A 307 -0.42 8.35 12.85
CA LYS A 307 0.21 8.04 14.12
C LYS A 307 1.46 7.18 13.95
N LEU A 308 2.45 7.43 14.79
CA LEU A 308 3.69 6.66 14.77
C LEU A 308 3.81 5.81 16.02
N TRP A 309 3.96 4.51 15.83
CA TRP A 309 4.08 3.57 16.93
C TRP A 309 5.47 2.92 16.91
N LYS A 310 6.03 2.67 18.09
CA LYS A 310 7.35 2.06 18.17
C LYS A 310 7.37 0.86 19.12
N SER A 311 8.17 -0.15 18.77
CA SER A 311 8.25 -1.37 19.56
C SER A 311 9.71 -1.76 19.80
N ASP A 312 9.92 -2.74 20.67
CA ASP A 312 11.25 -3.24 20.98
C ASP A 312 11.53 -4.54 20.26
N CYS A 313 10.46 -5.25 19.91
CA CYS A 313 10.57 -6.57 19.27
C CYS A 313 10.55 -6.44 17.75
N ARG B 3 -10.06 5.59 -2.75
CA ARG B 3 -9.85 4.77 -1.54
C ARG B 3 -10.54 5.29 -0.23
#